data_1UAD
#
_entry.id   1UAD
#
_cell.length_a   117.418
_cell.length_b   117.418
_cell.length_c   102.676
_cell.angle_alpha   90.00
_cell.angle_beta   90.00
_cell.angle_gamma   90.00
#
_symmetry.space_group_name_H-M   'I 4'
#
loop_
_entity.id
_entity.type
_entity.pdbx_description
1 polymer 'Ras-related protein Ral-A'
2 polymer 'Exocyst complex component Sec5'
3 non-polymer 'MAGNESIUM ION'
4 non-polymer 'PHOSPHOAMINOPHOSPHONIC ACID-GUANYLATE ESTER'
5 water water
#
loop_
_entity_poly.entity_id
_entity_poly.type
_entity_poly.pdbx_seq_one_letter_code
_entity_poly.pdbx_strand_id
1 'polypeptide(L)'
;QNSLALHKVIMVGSGGVGKSALTLQFMYDEFVEDYEPTKADSYRKKVVLDGEEVQIDILDTAGQEDYAAIRDNYFRSGEG
FLCVFSITEMESFAATADFREQILRVKEDENVPFLLVGNKSDLEDKRQVSVEEAKNRAEQWNVNYVETSAKTRANVDKVF
FDLMREIRARKMEDS
;
A,B
2 'polypeptide(L)'
;MSRSRQPPLVTGISPNEGIPWTKVTIRGENLGTGPTDLIGLTICGHNCLLTAEWMSASKIVCRVGQAKNDKGDIIVTTKS
GGRGTSTVSFKLLKPEKIG
;
C,D
#
loop_
_chem_comp.id
_chem_comp.type
_chem_comp.name
_chem_comp.formula
GNP non-polymer 'PHOSPHOAMINOPHOSPHONIC ACID-GUANYLATE ESTER' 'C10 H17 N6 O13 P3'
MG non-polymer 'MAGNESIUM ION' 'Mg 2'
#
# COMPACT_ATOMS: atom_id res chain seq x y z
N SER A 3 10.44 -4.15 18.77
CA SER A 3 10.39 -5.63 18.88
C SER A 3 9.92 -6.28 17.57
N LEU A 4 9.54 -5.46 16.61
CA LEU A 4 9.09 -5.96 15.31
C LEU A 4 10.30 -6.23 14.43
N ALA A 5 10.14 -7.12 13.46
CA ALA A 5 11.24 -7.42 12.54
C ALA A 5 11.52 -6.09 11.83
N LEU A 6 12.76 -5.88 11.43
CA LEU A 6 13.14 -4.66 10.74
C LEU A 6 14.02 -5.02 9.54
N HIS A 7 13.45 -4.90 8.35
CA HIS A 7 14.18 -5.20 7.12
C HIS A 7 14.76 -3.92 6.52
N LYS A 8 16.08 -3.88 6.39
CA LYS A 8 16.78 -2.72 5.87
C LYS A 8 17.08 -2.82 4.38
N VAL A 9 16.34 -2.03 3.62
CA VAL A 9 16.48 -2.01 2.17
C VAL A 9 17.26 -0.78 1.72
N ILE A 10 18.06 -0.97 0.68
CA ILE A 10 18.85 0.12 0.13
C ILE A 10 18.60 0.24 -1.37
N MET A 11 18.25 1.46 -1.80
CA MET A 11 17.99 1.75 -3.20
C MET A 11 19.30 2.18 -3.86
N VAL A 12 19.72 1.48 -4.90
CA VAL A 12 20.94 1.86 -5.61
C VAL A 12 20.67 1.96 -7.10
N GLY A 13 21.50 2.73 -7.79
CA GLY A 13 21.34 2.89 -9.23
C GLY A 13 21.73 4.28 -9.67
N SER A 14 21.91 4.46 -10.98
CA SER A 14 22.30 5.75 -11.53
C SER A 14 21.28 6.86 -11.34
N GLY A 15 21.72 8.09 -11.57
CA GLY A 15 20.84 9.23 -11.39
C GLY A 15 19.64 9.27 -12.32
N GLY A 16 18.49 9.70 -11.79
CA GLY A 16 17.28 9.81 -12.59
C GLY A 16 16.55 8.55 -12.99
N VAL A 17 17.01 7.39 -12.53
CA VAL A 17 16.36 6.13 -12.87
C VAL A 17 15.02 5.90 -12.15
N GLY A 18 14.82 6.61 -11.04
CA GLY A 18 13.58 6.49 -10.30
C GLY A 18 13.66 5.87 -8.90
N LYS A 19 14.84 5.91 -8.28
CA LYS A 19 14.97 5.33 -6.95
C LYS A 19 14.05 6.04 -5.95
N SER A 20 14.01 7.37 -6.01
CA SER A 20 13.16 8.14 -5.11
C SER A 20 11.69 8.02 -5.43
N ALA A 21 11.37 8.07 -6.71
CA ALA A 21 9.99 7.96 -7.14
C ALA A 21 9.41 6.63 -6.65
N LEU A 22 10.17 5.55 -6.80
CA LEU A 22 9.71 4.24 -6.35
C LEU A 22 9.49 4.27 -4.83
N THR A 23 10.44 4.86 -4.11
CA THR A 23 10.37 4.97 -2.66
C THR A 23 9.15 5.76 -2.19
N LEU A 24 8.95 6.95 -2.76
CA LEU A 24 7.84 7.81 -2.40
C LEU A 24 6.48 7.27 -2.79
N GLN A 25 6.42 6.51 -3.88
CA GLN A 25 5.15 5.91 -4.27
C GLN A 25 4.83 4.81 -3.26
N PHE A 26 5.85 4.04 -2.88
CA PHE A 26 5.64 2.97 -1.92
C PHE A 26 5.32 3.52 -0.53
N MET A 27 6.06 4.55 -0.12
CA MET A 27 5.87 5.14 1.20
C MET A 27 4.61 5.99 1.35
N TYR A 28 4.40 6.90 0.40
CA TYR A 28 3.27 7.81 0.48
C TYR A 28 2.22 7.78 -0.63
N ASP A 29 2.24 6.73 -1.46
CA ASP A 29 1.24 6.59 -2.52
C ASP A 29 1.17 7.79 -3.46
N GLU A 30 2.32 8.40 -3.73
CA GLU A 30 2.33 9.57 -4.59
C GLU A 30 3.37 9.43 -5.70
N PHE A 31 3.17 10.23 -6.74
CA PHE A 31 4.08 10.32 -7.87
C PHE A 31 3.96 11.72 -8.43
N VAL A 32 5.07 12.45 -8.52
CA VAL A 32 5.04 13.79 -9.10
C VAL A 32 6.24 13.90 -10.01
N GLU A 33 6.02 14.43 -11.21
CA GLU A 33 7.11 14.61 -12.18
C GLU A 33 7.94 15.77 -11.68
N ASP A 34 8.98 15.47 -10.91
CA ASP A 34 9.83 16.52 -10.37
C ASP A 34 11.31 16.16 -10.39
N TYR A 35 12.14 17.18 -10.34
CA TYR A 35 13.60 17.01 -10.35
C TYR A 35 14.16 17.36 -8.98
N GLU A 36 14.68 16.34 -8.29
CA GLU A 36 15.28 16.57 -6.97
C GLU A 36 16.36 15.55 -6.65
N PRO A 37 17.58 15.76 -7.16
CA PRO A 37 18.71 14.85 -6.90
C PRO A 37 18.84 14.52 -5.42
N THR A 38 19.05 13.25 -5.12
CA THR A 38 19.18 12.78 -3.75
C THR A 38 20.61 12.73 -3.23
N LYS A 39 20.78 13.00 -1.94
CA LYS A 39 22.08 12.90 -1.29
C LYS A 39 21.96 11.57 -0.56
N ALA A 40 21.08 11.53 0.43
CA ALA A 40 20.81 10.31 1.20
C ALA A 40 19.57 10.58 2.07
N ASP A 41 18.50 9.83 1.81
CA ASP A 41 17.24 9.99 2.56
C ASP A 41 16.87 8.69 3.27
N SER A 42 16.24 8.81 4.43
CA SER A 42 15.82 7.64 5.22
C SER A 42 14.30 7.61 5.42
N TYR A 43 13.75 6.41 5.27
CA TYR A 43 12.34 6.16 5.43
C TYR A 43 12.15 4.89 6.25
N ARG A 44 11.11 4.85 7.06
CA ARG A 44 10.82 3.67 7.85
C ARG A 44 9.37 3.73 8.28
N LYS A 45 8.66 2.64 8.03
CA LYS A 45 7.26 2.56 8.42
C LYS A 45 6.82 1.12 8.60
N LYS A 46 5.67 0.94 9.23
CA LYS A 46 5.13 -0.38 9.46
C LYS A 46 4.43 -0.85 8.19
N VAL A 47 4.65 -2.10 7.84
CA VAL A 47 4.01 -2.69 6.67
C VAL A 47 3.66 -4.10 7.09
N VAL A 48 2.72 -4.72 6.40
CA VAL A 48 2.31 -6.09 6.71
C VAL A 48 2.83 -7.01 5.64
N LEU A 49 3.76 -7.89 6.01
CA LEU A 49 4.35 -8.83 5.07
C LEU A 49 3.81 -10.23 5.30
N ASP A 50 3.03 -10.72 4.35
CA ASP A 50 2.44 -12.05 4.47
C ASP A 50 1.69 -12.18 5.80
N GLY A 51 0.89 -11.17 6.11
CA GLY A 51 0.09 -11.18 7.33
C GLY A 51 0.80 -10.76 8.60
N GLU A 52 2.12 -10.69 8.57
CA GLU A 52 2.87 -10.30 9.75
C GLU A 52 3.32 -8.85 9.73
N GLU A 53 3.02 -8.14 10.80
CA GLU A 53 3.40 -6.76 10.91
C GLU A 53 4.90 -6.65 11.15
N VAL A 54 5.58 -5.90 10.29
CA VAL A 54 7.02 -5.69 10.40
C VAL A 54 7.28 -4.22 10.09
N GLN A 55 8.55 -3.84 10.08
CA GLN A 55 8.93 -2.48 9.75
C GLN A 55 9.94 -2.54 8.62
N ILE A 56 9.74 -1.71 7.62
CA ILE A 56 10.67 -1.65 6.50
C ILE A 56 11.43 -0.34 6.65
N ASP A 57 12.73 -0.38 6.39
CA ASP A 57 13.55 0.80 6.46
C ASP A 57 14.16 0.91 5.07
N ILE A 58 14.11 2.11 4.49
CA ILE A 58 14.64 2.33 3.16
C ILE A 58 15.65 3.47 3.14
N LEU A 59 16.84 3.17 2.65
CA LEU A 59 17.87 4.18 2.50
C LEU A 59 17.85 4.47 1.01
N ASP A 60 17.48 5.70 0.66
CA ASP A 60 17.41 6.14 -0.74
C ASP A 60 18.70 6.91 -0.94
N THR A 61 19.51 6.43 -1.87
CA THR A 61 20.83 7.02 -2.13
C THR A 61 21.01 7.85 -3.38
N ALA A 62 22.18 8.48 -3.46
CA ALA A 62 22.52 9.32 -4.60
C ALA A 62 22.92 8.48 -5.81
N GLY A 63 22.54 8.95 -7.00
CA GLY A 63 22.87 8.24 -8.21
C GLY A 63 24.29 8.54 -8.66
N GLN A 64 24.69 9.80 -8.56
CA GLN A 64 26.02 10.23 -8.95
C GLN A 64 27.10 9.29 -8.42
N GLU A 65 28.06 8.94 -9.26
CA GLU A 65 29.15 8.05 -8.88
C GLU A 65 30.24 8.79 -8.14
N ASP A 66 29.91 9.96 -7.60
CA ASP A 66 30.86 10.78 -6.87
C ASP A 66 31.09 10.20 -5.47
N TYR A 67 30.52 9.04 -5.21
CA TYR A 67 30.66 8.38 -3.93
C TYR A 67 31.52 7.12 -4.06
N ALA A 68 32.47 6.97 -3.14
CA ALA A 68 33.37 5.82 -3.15
C ALA A 68 33.35 5.11 -1.80
N ALA A 69 33.99 5.72 -0.81
CA ALA A 69 34.06 5.16 0.53
C ALA A 69 32.75 5.39 1.27
N ILE A 70 31.96 6.35 0.78
CA ILE A 70 30.67 6.67 1.38
C ILE A 70 29.70 5.52 1.11
N ARG A 71 29.75 5.00 -0.12
CA ARG A 71 28.90 3.89 -0.52
C ARG A 71 29.12 2.69 0.39
N ASP A 72 30.39 2.40 0.67
CA ASP A 72 30.77 1.28 1.50
C ASP A 72 30.02 1.25 2.83
N ASN A 73 29.94 2.40 3.49
CA ASN A 73 29.25 2.50 4.77
C ASN A 73 27.75 2.24 4.62
N TYR A 74 27.14 2.91 3.65
CA TYR A 74 25.70 2.74 3.39
C TYR A 74 25.41 1.27 3.13
N PHE A 75 26.07 0.72 2.12
CA PHE A 75 25.89 -0.67 1.73
C PHE A 75 26.04 -1.67 2.86
N ARG A 76 27.00 -1.41 3.74
CA ARG A 76 27.24 -2.30 4.87
C ARG A 76 26.07 -2.34 5.85
N SER A 77 25.34 -1.23 5.93
CA SER A 77 24.20 -1.15 6.84
C SER A 77 22.93 -1.79 6.30
N GLY A 78 22.93 -2.13 5.01
CA GLY A 78 21.76 -2.72 4.41
C GLY A 78 21.69 -4.24 4.42
N GLU A 79 20.48 -4.78 4.45
CA GLU A 79 20.28 -6.22 4.44
C GLU A 79 19.83 -6.69 3.07
N GLY A 80 19.24 -5.78 2.30
CA GLY A 80 18.77 -6.11 0.97
C GLY A 80 18.91 -4.91 0.04
N PHE A 81 19.09 -5.18 -1.25
CA PHE A 81 19.27 -4.11 -2.23
C PHE A 81 18.36 -4.15 -3.44
N LEU A 82 17.82 -2.99 -3.83
CA LEU A 82 17.01 -2.89 -5.05
C LEU A 82 17.92 -2.13 -6.01
N CYS A 83 18.43 -2.84 -7.00
CA CYS A 83 19.33 -2.27 -7.99
C CYS A 83 18.47 -1.80 -9.14
N VAL A 84 18.26 -0.50 -9.20
CA VAL A 84 17.39 0.11 -10.20
C VAL A 84 18.08 0.77 -11.39
N PHE A 85 17.46 0.63 -12.57
CA PHE A 85 17.94 1.28 -13.78
C PHE A 85 16.67 1.63 -14.52
N SER A 86 16.76 2.51 -15.51
CA SER A 86 15.58 2.87 -16.29
C SER A 86 15.59 2.12 -17.61
N ILE A 87 14.46 1.60 -18.03
CA ILE A 87 14.42 0.90 -19.30
C ILE A 87 14.62 1.87 -20.45
N THR A 88 14.48 3.17 -20.18
CA THR A 88 14.66 4.17 -21.22
C THR A 88 16.09 4.74 -21.29
N GLU A 89 16.98 4.24 -20.44
CA GLU A 89 18.35 4.72 -20.44
C GLU A 89 19.38 3.60 -20.30
N MET A 90 19.86 3.12 -21.46
CA MET A 90 20.86 2.06 -21.52
C MET A 90 22.06 2.32 -20.62
N GLU A 91 22.45 3.58 -20.53
CA GLU A 91 23.59 3.95 -19.69
C GLU A 91 23.38 3.51 -18.24
N SER A 92 22.18 3.74 -17.70
CA SER A 92 21.90 3.38 -16.31
C SER A 92 21.96 1.85 -16.14
N PHE A 93 21.58 1.12 -17.19
CA PHE A 93 21.59 -0.34 -17.15
C PHE A 93 23.04 -0.86 -17.07
N ALA A 94 23.92 -0.31 -17.92
CA ALA A 94 25.32 -0.73 -17.91
C ALA A 94 25.96 -0.39 -16.56
N ALA A 95 25.44 0.64 -15.90
CA ALA A 95 25.97 1.06 -14.61
C ALA A 95 25.68 0.08 -13.48
N THR A 96 24.63 -0.73 -13.64
CA THR A 96 24.27 -1.69 -12.60
C THR A 96 25.38 -2.67 -12.24
N ALA A 97 26.17 -3.07 -13.23
CA ALA A 97 27.27 -4.00 -12.99
C ALA A 97 28.18 -3.44 -11.90
N ASP A 98 28.49 -2.16 -11.99
CA ASP A 98 29.35 -1.51 -11.00
C ASP A 98 28.73 -1.58 -9.60
N PHE A 99 27.48 -1.13 -9.48
CA PHE A 99 26.79 -1.15 -8.19
C PHE A 99 26.84 -2.55 -7.57
N ARG A 100 26.48 -3.54 -8.38
CA ARG A 100 26.49 -4.95 -7.98
C ARG A 100 27.84 -5.33 -7.38
N GLU A 101 28.90 -4.99 -8.12
CA GLU A 101 30.28 -5.27 -7.73
C GLU A 101 30.59 -4.67 -6.36
N GLN A 102 30.31 -3.38 -6.23
CA GLN A 102 30.56 -2.65 -4.99
C GLN A 102 29.77 -3.23 -3.82
N ILE A 103 28.54 -3.67 -4.08
CA ILE A 103 27.71 -4.23 -3.03
C ILE A 103 28.24 -5.57 -2.54
N LEU A 104 28.44 -6.51 -3.46
CA LEU A 104 28.94 -7.85 -3.13
C LEU A 104 30.22 -7.77 -2.31
N ARG A 105 31.05 -6.80 -2.64
CA ARG A 105 32.32 -6.59 -1.96
C ARG A 105 32.15 -6.30 -0.47
N VAL A 106 31.50 -5.17 -0.16
CA VAL A 106 31.30 -4.78 1.23
C VAL A 106 30.53 -5.79 2.06
N LYS A 107 29.50 -6.40 1.48
CA LYS A 107 28.70 -7.37 2.21
C LYS A 107 29.38 -8.75 2.25
N GLU A 108 30.36 -8.96 1.37
CA GLU A 108 31.08 -10.22 1.32
C GLU A 108 30.09 -11.38 1.25
N ASP A 109 29.14 -11.26 0.33
CA ASP A 109 28.11 -12.28 0.17
C ASP A 109 27.54 -12.20 -1.25
N GLU A 110 27.77 -13.24 -2.03
CA GLU A 110 27.27 -13.30 -3.41
C GLU A 110 25.77 -13.53 -3.46
N ASN A 111 25.20 -14.00 -2.36
CA ASN A 111 23.77 -14.27 -2.31
C ASN A 111 23.00 -13.29 -1.43
N VAL A 112 23.51 -12.07 -1.31
CA VAL A 112 22.83 -11.06 -0.49
C VAL A 112 21.50 -10.70 -1.17
N PRO A 113 20.41 -10.59 -0.39
CA PRO A 113 19.10 -10.25 -0.95
C PRO A 113 19.30 -9.14 -1.98
N PHE A 114 18.86 -9.38 -3.21
CA PHE A 114 19.10 -8.46 -4.31
C PHE A 114 18.05 -8.62 -5.40
N LEU A 115 17.59 -7.51 -5.96
CA LEU A 115 16.64 -7.55 -7.06
C LEU A 115 17.04 -6.54 -8.13
N LEU A 116 16.99 -6.97 -9.39
CA LEU A 116 17.33 -6.09 -10.50
C LEU A 116 15.99 -5.47 -10.90
N VAL A 117 15.92 -4.14 -10.86
CA VAL A 117 14.67 -3.45 -11.18
C VAL A 117 14.75 -2.54 -12.40
N GLY A 118 13.94 -2.85 -13.41
CA GLY A 118 13.87 -2.03 -14.61
C GLY A 118 12.69 -1.10 -14.45
N ASN A 119 12.96 0.13 -14.03
CA ASN A 119 11.91 1.12 -13.80
C ASN A 119 11.49 1.90 -15.04
N LYS A 120 10.34 2.57 -14.93
CA LYS A 120 9.76 3.40 -16.00
C LYS A 120 9.14 2.57 -17.12
N SER A 121 8.54 1.45 -16.73
CA SER A 121 7.91 0.55 -17.68
C SER A 121 6.79 1.22 -18.47
N ASP A 122 6.25 2.32 -17.94
CA ASP A 122 5.18 3.03 -18.63
C ASP A 122 5.67 3.79 -19.86
N LEU A 123 6.98 3.92 -20.00
CA LEU A 123 7.56 4.63 -21.14
C LEU A 123 8.12 3.65 -22.17
N GLU A 124 7.30 2.67 -22.54
CA GLU A 124 7.68 1.65 -23.51
C GLU A 124 8.16 2.24 -24.83
N ASP A 125 7.57 3.36 -25.23
CA ASP A 125 7.94 4.02 -26.48
C ASP A 125 9.38 4.52 -26.51
N LYS A 126 9.98 4.67 -25.32
CA LYS A 126 11.36 5.15 -25.23
C LYS A 126 12.33 4.10 -24.70
N ARG A 127 11.88 2.86 -24.66
CA ARG A 127 12.71 1.77 -24.17
C ARG A 127 14.04 1.70 -24.93
N GLN A 128 15.13 1.58 -24.18
CA GLN A 128 16.48 1.47 -24.74
C GLN A 128 17.09 0.14 -24.31
N VAL A 129 16.51 -0.46 -23.27
CA VAL A 129 16.99 -1.74 -22.75
C VAL A 129 15.91 -2.80 -22.96
N SER A 130 16.25 -3.88 -23.66
CA SER A 130 15.29 -4.93 -23.93
C SER A 130 15.05 -5.81 -22.73
N VAL A 131 13.82 -6.34 -22.64
CA VAL A 131 13.46 -7.23 -21.54
C VAL A 131 14.41 -8.42 -21.52
N GLU A 132 14.67 -8.98 -22.69
CA GLU A 132 15.57 -10.13 -22.80
C GLU A 132 16.94 -9.83 -22.22
N GLU A 133 17.52 -8.71 -22.62
CA GLU A 133 18.84 -8.34 -22.11
C GLU A 133 18.83 -8.24 -20.58
N ALA A 134 17.85 -7.53 -20.04
CA ALA A 134 17.74 -7.36 -18.59
C ALA A 134 17.59 -8.70 -17.89
N LYS A 135 16.71 -9.56 -18.41
CA LYS A 135 16.50 -10.87 -17.80
C LYS A 135 17.79 -11.70 -17.76
N ASN A 136 18.51 -11.72 -18.87
CA ASN A 136 19.75 -12.50 -18.94
C ASN A 136 20.73 -12.07 -17.86
N ARG A 137 20.87 -10.76 -17.67
CA ARG A 137 21.80 -10.27 -16.65
C ARG A 137 21.35 -10.69 -15.26
N ALA A 138 20.04 -10.65 -15.02
CA ALA A 138 19.52 -11.05 -13.72
C ALA A 138 19.80 -12.52 -13.44
N GLU A 139 19.62 -13.37 -14.45
CA GLU A 139 19.87 -14.78 -14.29
C GLU A 139 21.35 -15.06 -14.08
N GLN A 140 22.20 -14.27 -14.72
CA GLN A 140 23.64 -14.44 -14.58
C GLN A 140 24.04 -14.17 -13.13
N TRP A 141 23.40 -13.17 -12.52
CA TRP A 141 23.68 -12.80 -11.13
C TRP A 141 22.85 -13.63 -10.16
N ASN A 142 21.95 -14.45 -10.70
CA ASN A 142 21.08 -15.29 -9.89
C ASN A 142 20.13 -14.48 -9.01
N VAL A 143 19.50 -13.48 -9.60
CA VAL A 143 18.54 -12.65 -8.88
C VAL A 143 17.33 -12.43 -9.78
N ASN A 144 16.20 -12.10 -9.18
CA ASN A 144 14.98 -11.86 -9.95
C ASN A 144 15.02 -10.51 -10.65
N TYR A 145 14.31 -10.42 -11.77
CA TYR A 145 14.21 -9.18 -12.51
C TYR A 145 12.75 -8.79 -12.54
N VAL A 146 12.47 -7.53 -12.25
CA VAL A 146 11.11 -7.03 -12.24
C VAL A 146 11.08 -5.65 -12.89
N GLU A 147 10.09 -5.41 -13.74
CA GLU A 147 9.98 -4.10 -14.37
C GLU A 147 8.91 -3.35 -13.58
N THR A 148 9.18 -2.08 -13.32
CA THR A 148 8.27 -1.27 -12.52
C THR A 148 7.93 0.05 -13.16
N SER A 149 6.93 0.69 -12.58
CA SER A 149 6.51 2.02 -12.99
C SER A 149 6.10 2.76 -11.74
N ALA A 150 6.90 3.74 -11.33
CA ALA A 150 6.60 4.54 -10.15
C ALA A 150 5.35 5.38 -10.42
N LYS A 151 5.05 5.58 -11.70
CA LYS A 151 3.88 6.36 -12.10
C LYS A 151 2.55 5.62 -11.92
N THR A 152 2.45 4.44 -12.52
CA THR A 152 1.22 3.65 -12.41
C THR A 152 1.30 2.73 -11.20
N ARG A 153 2.50 2.68 -10.61
CA ARG A 153 2.81 1.85 -9.45
C ARG A 153 2.90 0.35 -9.76
N ALA A 154 2.91 -0.01 -11.03
CA ALA A 154 2.99 -1.42 -11.41
C ALA A 154 4.22 -2.09 -10.79
N ASN A 155 3.98 -3.21 -10.11
CA ASN A 155 5.05 -3.99 -9.47
C ASN A 155 5.91 -3.28 -8.42
N VAL A 156 5.55 -2.06 -8.06
CA VAL A 156 6.32 -1.33 -7.06
C VAL A 156 6.25 -2.05 -5.70
N ASP A 157 5.04 -2.34 -5.25
CA ASP A 157 4.89 -3.01 -3.98
C ASP A 157 5.57 -4.38 -4.04
N LYS A 158 5.44 -5.04 -5.18
CA LYS A 158 6.05 -6.36 -5.38
C LYS A 158 7.56 -6.36 -5.16
N VAL A 159 8.28 -5.40 -5.74
CA VAL A 159 9.71 -5.41 -5.56
C VAL A 159 10.13 -5.22 -4.10
N PHE A 160 9.41 -4.37 -3.37
CA PHE A 160 9.74 -4.15 -1.96
C PHE A 160 9.39 -5.39 -1.13
N PHE A 161 8.23 -5.98 -1.38
CA PHE A 161 7.80 -7.18 -0.65
C PHE A 161 8.71 -8.36 -0.95
N ASP A 162 9.03 -8.58 -2.23
CA ASP A 162 9.91 -9.69 -2.60
C ASP A 162 11.28 -9.53 -1.97
N LEU A 163 11.81 -8.31 -1.97
CA LEU A 163 13.13 -8.11 -1.37
C LEU A 163 13.05 -8.40 0.12
N MET A 164 11.96 -7.98 0.77
CA MET A 164 11.82 -8.23 2.21
C MET A 164 11.72 -9.74 2.48
N ARG A 165 11.04 -10.47 1.61
CA ARG A 165 10.90 -11.91 1.78
C ARG A 165 12.28 -12.56 1.72
N GLU A 166 13.15 -12.03 0.87
CA GLU A 166 14.49 -12.58 0.74
C GLU A 166 15.26 -12.31 2.03
N ILE A 167 15.20 -11.07 2.50
CA ILE A 167 15.89 -10.70 3.74
C ILE A 167 15.33 -11.58 4.86
N ARG A 168 14.01 -11.79 4.82
CA ARG A 168 13.33 -12.60 5.81
C ARG A 168 13.88 -14.03 5.78
N ALA A 169 13.85 -14.65 4.61
CA ALA A 169 14.36 -16.01 4.45
C ALA A 169 15.78 -16.06 5.01
N ARG A 170 16.59 -15.10 4.61
CA ARG A 170 17.98 -15.03 5.04
C ARG A 170 18.11 -15.06 6.57
N LYS A 171 17.30 -14.28 7.26
CA LYS A 171 17.34 -14.24 8.71
C LYS A 171 16.87 -15.54 9.34
N MET A 172 16.13 -16.35 8.59
CA MET A 172 15.65 -17.63 9.10
C MET A 172 16.82 -18.58 9.22
N GLU A 173 17.59 -18.66 8.13
CA GLU A 173 18.76 -19.52 8.06
C GLU A 173 19.82 -19.20 9.12
N ASP A 174 20.12 -17.92 9.28
CA ASP A 174 21.13 -17.47 10.24
C ASP A 174 20.66 -17.47 11.70
N SER A 175 19.39 -17.82 11.93
CA SER A 175 18.87 -17.83 13.29
C SER A 175 17.77 -18.87 13.45
N SER B 3 -13.60 7.14 15.54
CA SER B 3 -13.58 8.63 15.39
C SER B 3 -12.96 9.02 14.05
N LEU B 4 -12.35 8.05 13.37
CA LEU B 4 -11.72 8.33 12.08
C LEU B 4 -12.78 8.42 10.99
N ALA B 5 -12.47 9.15 9.93
CA ALA B 5 -13.40 9.27 8.82
C ALA B 5 -13.53 7.85 8.28
N LEU B 6 -14.71 7.52 7.74
CA LEU B 6 -14.96 6.19 7.22
C LEU B 6 -15.60 6.31 5.85
N HIS B 7 -14.86 5.92 4.82
CA HIS B 7 -15.35 6.00 3.45
C HIS B 7 -15.81 4.64 3.00
N LYS B 8 -17.09 4.54 2.64
CA LYS B 8 -17.66 3.28 2.22
C LYS B 8 -17.69 3.11 0.72
N VAL B 9 -16.86 2.20 0.24
CA VAL B 9 -16.72 1.92 -1.17
C VAL B 9 -17.42 0.63 -1.54
N ILE B 10 -18.03 0.60 -2.70
CA ILE B 10 -18.70 -0.61 -3.15
C ILE B 10 -18.22 -0.99 -4.55
N MET B 11 -17.79 -2.24 -4.68
CA MET B 11 -17.32 -2.79 -5.94
C MET B 11 -18.50 -3.31 -6.75
N VAL B 12 -18.68 -2.84 -7.98
CA VAL B 12 -19.78 -3.31 -8.81
C VAL B 12 -19.26 -3.69 -10.19
N GLY B 13 -19.96 -4.60 -10.85
CA GLY B 13 -19.56 -5.03 -12.17
C GLY B 13 -19.85 -6.50 -12.43
N SER B 14 -19.79 -6.89 -13.70
CA SER B 14 -20.05 -8.27 -14.13
C SER B 14 -19.12 -9.29 -13.49
N GLY B 15 -19.50 -10.56 -13.59
CA GLY B 15 -18.69 -11.61 -13.02
C GLY B 15 -17.34 -11.76 -13.70
N GLY B 16 -16.31 -12.06 -12.91
CA GLY B 16 -14.98 -12.26 -13.45
C GLY B 16 -14.22 -11.05 -13.96
N VAL B 17 -14.75 -9.85 -13.76
CA VAL B 17 -14.08 -8.65 -14.23
C VAL B 17 -12.87 -8.30 -13.37
N GLY B 18 -12.86 -8.79 -12.14
CA GLY B 18 -11.75 -8.54 -11.24
C GLY B 18 -12.06 -7.69 -10.03
N LYS B 19 -13.31 -7.69 -9.58
CA LYS B 19 -13.70 -6.91 -8.41
C LYS B 19 -12.94 -7.38 -7.16
N SER B 20 -12.89 -8.69 -6.98
CA SER B 20 -12.21 -9.26 -5.82
C SER B 20 -10.71 -9.13 -5.90
N ALA B 21 -10.17 -9.38 -7.09
CA ALA B 21 -8.73 -9.29 -7.29
C ALA B 21 -8.23 -7.87 -6.96
N LEU B 22 -8.97 -6.87 -7.40
CA LEU B 22 -8.60 -5.47 -7.12
C LEU B 22 -8.63 -5.26 -5.61
N THR B 23 -9.69 -5.76 -4.98
CA THR B 23 -9.88 -5.61 -3.54
C THR B 23 -8.77 -6.27 -2.72
N LEU B 24 -8.44 -7.52 -3.06
CA LEU B 24 -7.42 -8.26 -2.33
C LEU B 24 -6.02 -7.72 -2.57
N GLN B 25 -5.80 -7.17 -3.76
CA GLN B 25 -4.49 -6.59 -4.04
C GLN B 25 -4.36 -5.33 -3.16
N PHE B 26 -5.41 -4.51 -3.13
CA PHE B 26 -5.39 -3.30 -2.31
C PHE B 26 -5.29 -3.62 -0.83
N MET B 27 -6.09 -4.58 -0.38
CA MET B 27 -6.13 -4.99 1.02
C MET B 27 -4.92 -5.76 1.53
N TYR B 28 -4.54 -6.82 0.81
CA TYR B 28 -3.43 -7.67 1.26
C TYR B 28 -2.21 -7.79 0.35
N ASP B 29 -2.11 -6.92 -0.65
CA ASP B 29 -0.96 -6.92 -1.55
C ASP B 29 -0.72 -8.27 -2.22
N GLU B 30 -1.80 -8.94 -2.58
CA GLU B 30 -1.69 -10.25 -3.19
C GLU B 30 -2.49 -10.35 -4.48
N PHE B 31 -2.10 -11.31 -5.31
CA PHE B 31 -2.81 -11.60 -6.54
C PHE B 31 -2.64 -13.07 -6.84
N VAL B 32 -3.74 -13.78 -7.03
CA VAL B 32 -3.68 -15.20 -7.34
C VAL B 32 -4.73 -15.54 -8.38
N GLU B 33 -4.29 -16.12 -9.50
CA GLU B 33 -5.20 -16.49 -10.56
C GLU B 33 -6.09 -17.67 -10.14
N ASP B 34 -7.16 -17.33 -9.41
CA ASP B 34 -8.13 -18.31 -8.94
C ASP B 34 -9.48 -17.60 -8.94
N TYR B 35 -10.45 -18.19 -9.63
CA TYR B 35 -11.78 -17.60 -9.74
C TYR B 35 -12.82 -18.22 -8.82
N GLU B 36 -13.03 -17.57 -7.68
CA GLU B 36 -14.00 -17.99 -6.67
C GLU B 36 -15.11 -16.94 -6.62
N PRO B 37 -16.22 -17.19 -7.31
CA PRO B 37 -17.36 -16.26 -7.35
C PRO B 37 -17.73 -15.72 -5.98
N THR B 38 -18.03 -14.43 -5.92
CA THR B 38 -18.37 -13.78 -4.67
C THR B 38 -19.87 -13.66 -4.44
N LYS B 39 -20.23 -13.68 -3.17
CA LYS B 39 -21.61 -13.53 -2.75
C LYS B 39 -21.66 -12.09 -2.26
N ALA B 40 -20.96 -11.85 -1.15
CA ALA B 40 -20.87 -10.53 -0.54
C ALA B 40 -19.78 -10.59 0.52
N ASP B 41 -18.69 -9.86 0.28
CA ASP B 41 -17.57 -9.84 1.24
C ASP B 41 -17.29 -8.43 1.75
N SER B 42 -16.85 -8.34 3.00
CA SER B 42 -16.57 -7.06 3.62
C SER B 42 -15.11 -6.91 4.07
N TYR B 43 -14.55 -5.73 3.81
CA TYR B 43 -13.18 -5.43 4.18
C TYR B 43 -13.14 -4.03 4.77
N ARG B 44 -12.21 -3.82 5.68
CA ARG B 44 -12.08 -2.52 6.30
C ARG B 44 -10.75 -2.42 6.99
N LYS B 45 -10.02 -1.35 6.70
CA LYS B 45 -8.74 -1.14 7.33
C LYS B 45 -8.34 0.32 7.29
N LYS B 46 -7.31 0.63 8.05
CA LYS B 46 -6.79 1.97 8.13
C LYS B 46 -5.88 2.24 6.94
N VAL B 47 -6.00 3.42 6.37
CA VAL B 47 -5.17 3.84 5.24
C VAL B 47 -4.90 5.33 5.41
N VAL B 48 -3.82 5.80 4.79
CA VAL B 48 -3.48 7.22 4.88
C VAL B 48 -3.85 7.89 3.57
N LEU B 49 -4.77 8.83 3.65
CA LEU B 49 -5.23 9.55 2.48
C LEU B 49 -4.75 11.00 2.56
N ASP B 50 -3.83 11.34 1.67
CA ASP B 50 -3.26 12.67 1.65
C ASP B 50 -2.74 13.05 3.04
N GLY B 51 -1.99 12.13 3.64
CA GLY B 51 -1.41 12.34 4.96
C GLY B 51 -2.35 12.15 6.15
N GLU B 52 -3.64 12.04 5.89
CA GLU B 52 -4.60 11.87 6.98
C GLU B 52 -5.02 10.42 7.14
N GLU B 53 -4.93 9.90 8.37
CA GLU B 53 -5.34 8.54 8.63
C GLU B 53 -6.86 8.47 8.61
N VAL B 54 -7.38 7.54 7.83
CA VAL B 54 -8.82 7.34 7.73
C VAL B 54 -9.05 5.84 7.61
N GLN B 55 -10.31 5.45 7.47
CA GLN B 55 -10.63 4.05 7.33
C GLN B 55 -11.44 3.86 6.05
N ILE B 56 -11.08 2.85 5.28
CA ILE B 56 -11.82 2.57 4.07
C ILE B 56 -12.57 1.26 4.29
N ASP B 57 -13.83 1.23 3.87
CA ASP B 57 -14.64 0.04 3.98
C ASP B 57 -14.97 -0.36 2.55
N ILE B 58 -14.79 -1.63 2.22
CA ILE B 58 -15.07 -2.08 0.88
C ILE B 58 -16.07 -3.24 0.89
N LEU B 59 -17.15 -3.08 0.13
CA LEU B 59 -18.13 -4.14 0.00
C LEU B 59 -17.84 -4.70 -1.38
N ASP B 60 -17.42 -5.96 -1.41
CA ASP B 60 -17.10 -6.67 -2.64
C ASP B 60 -18.35 -7.49 -2.93
N THR B 61 -19.03 -7.17 -4.03
CA THR B 61 -20.27 -7.84 -4.40
C THR B 61 -20.20 -8.90 -5.51
N ALA B 62 -21.32 -9.56 -5.71
CA ALA B 62 -21.43 -10.60 -6.73
C ALA B 62 -21.67 -10.01 -8.11
N GLY B 63 -21.08 -10.64 -9.13
CA GLY B 63 -21.26 -10.17 -10.48
C GLY B 63 -22.65 -10.54 -11.00
N GLN B 64 -23.24 -11.57 -10.39
CA GLN B 64 -24.56 -12.05 -10.76
C GLN B 64 -25.69 -11.06 -10.47
N GLU B 65 -26.29 -10.53 -11.53
CA GLU B 65 -27.37 -9.57 -11.40
C GLU B 65 -28.71 -10.29 -11.16
N ASP B 66 -28.63 -11.58 -10.82
CA ASP B 66 -29.83 -12.37 -10.56
C ASP B 66 -30.71 -11.69 -9.52
N TYR B 67 -30.10 -11.29 -8.40
CA TYR B 67 -30.82 -10.62 -7.33
C TYR B 67 -30.94 -9.13 -7.66
N ALA B 68 -32.10 -8.55 -7.40
CA ALA B 68 -32.33 -7.14 -7.69
C ALA B 68 -32.53 -6.30 -6.42
N ALA B 69 -33.51 -6.68 -5.61
CA ALA B 69 -33.79 -5.95 -4.38
C ALA B 69 -32.61 -6.00 -3.42
N ILE B 70 -31.75 -6.99 -3.59
CA ILE B 70 -30.58 -7.12 -2.72
C ILE B 70 -29.57 -6.03 -3.06
N ARG B 71 -29.43 -5.74 -4.35
CA ARG B 71 -28.50 -4.72 -4.80
C ARG B 71 -28.88 -3.37 -4.20
N ASP B 72 -30.18 -3.08 -4.20
CA ASP B 72 -30.67 -1.82 -3.64
C ASP B 72 -30.16 -1.55 -2.24
N ASN B 73 -30.21 -2.56 -1.37
CA ASN B 73 -29.73 -2.39 0.00
C ASN B 73 -28.24 -2.15 0.06
N TYR B 74 -27.48 -2.96 -0.67
CA TYR B 74 -26.02 -2.81 -0.70
C TYR B 74 -25.69 -1.40 -1.18
N PHE B 75 -26.19 -1.06 -2.35
CA PHE B 75 -25.98 0.25 -2.95
C PHE B 75 -26.28 1.42 -2.02
N ARG B 76 -27.40 1.37 -1.32
CA ARG B 76 -27.74 2.48 -0.45
C ARG B 76 -26.79 2.64 0.74
N SER B 77 -26.07 1.57 1.09
CA SER B 77 -25.14 1.64 2.20
C SER B 77 -23.78 2.20 1.77
N GLY B 78 -23.58 2.34 0.47
CA GLY B 78 -22.30 2.84 -0.03
C GLY B 78 -22.26 4.34 -0.25
N GLU B 79 -21.07 4.91 -0.13
CA GLU B 79 -20.89 6.33 -0.32
C GLU B 79 -20.21 6.60 -1.66
N GLY B 80 -19.54 5.57 -2.19
CA GLY B 80 -18.85 5.70 -3.46
C GLY B 80 -18.80 4.36 -4.15
N PHE B 81 -18.72 4.38 -5.48
CA PHE B 81 -18.72 3.13 -6.25
C PHE B 81 -17.63 3.00 -7.29
N LEU B 82 -17.05 1.81 -7.38
CA LEU B 82 -16.04 1.52 -8.40
C LEU B 82 -16.74 0.59 -9.37
N CYS B 83 -17.11 1.11 -10.54
CA CYS B 83 -17.79 0.34 -11.56
C CYS B 83 -16.73 -0.31 -12.44
N VAL B 84 -16.51 -1.59 -12.21
CA VAL B 84 -15.48 -2.34 -12.93
C VAL B 84 -15.97 -3.23 -14.06
N PHE B 85 -15.17 -3.29 -15.12
CA PHE B 85 -15.44 -4.16 -16.26
C PHE B 85 -14.07 -4.59 -16.71
N SER B 86 -14.00 -5.62 -17.55
CA SER B 86 -12.73 -6.10 -18.05
C SER B 86 -12.51 -5.58 -19.46
N ILE B 87 -11.30 -5.14 -19.77
CA ILE B 87 -11.01 -4.63 -21.10
C ILE B 87 -11.01 -5.80 -22.09
N THR B 88 -11.00 -7.03 -21.59
CA THR B 88 -10.98 -8.21 -22.44
C THR B 88 -12.36 -8.83 -22.66
N GLU B 89 -13.40 -8.23 -22.08
CA GLU B 89 -14.75 -8.76 -22.23
C GLU B 89 -15.78 -7.65 -22.47
N MET B 90 -16.02 -7.36 -23.75
CA MET B 90 -16.99 -6.32 -24.13
C MET B 90 -18.32 -6.47 -23.42
N GLU B 91 -18.70 -7.70 -23.11
CA GLU B 91 -19.95 -7.98 -22.42
C GLU B 91 -20.00 -7.25 -21.08
N SER B 92 -18.92 -7.35 -20.32
CA SER B 92 -18.83 -6.71 -19.01
C SER B 92 -18.95 -5.20 -19.13
N PHE B 93 -18.40 -4.65 -20.21
CA PHE B 93 -18.46 -3.21 -20.45
C PHE B 93 -19.89 -2.75 -20.70
N ALA B 94 -20.61 -3.47 -21.55
CA ALA B 94 -21.99 -3.11 -21.86
C ALA B 94 -22.86 -3.23 -20.61
N ALA B 95 -22.47 -4.11 -19.69
CA ALA B 95 -23.21 -4.31 -18.46
C ALA B 95 -23.12 -3.14 -17.49
N THR B 96 -22.08 -2.33 -17.62
CA THR B 96 -21.88 -1.19 -16.72
C THR B 96 -23.03 -0.19 -16.74
N ALA B 97 -23.63 0.01 -17.91
CA ALA B 97 -24.74 0.95 -18.02
C ALA B 97 -25.84 0.58 -17.03
N ASP B 98 -26.12 -0.72 -16.93
CA ASP B 98 -27.15 -1.22 -16.02
C ASP B 98 -26.79 -0.86 -14.59
N PHE B 99 -25.60 -1.27 -14.16
CA PHE B 99 -25.13 -0.99 -12.82
C PHE B 99 -25.28 0.48 -12.48
N ARG B 100 -24.76 1.36 -13.33
CA ARG B 100 -24.86 2.78 -13.05
C ARG B 100 -26.31 3.22 -12.86
N GLU B 101 -27.22 2.73 -13.70
CA GLU B 101 -28.62 3.12 -13.57
C GLU B 101 -29.18 2.68 -12.24
N GLN B 102 -28.92 1.44 -11.85
CA GLN B 102 -29.42 0.95 -10.58
C GLN B 102 -28.81 1.72 -9.41
N ILE B 103 -27.56 2.14 -9.55
CA ILE B 103 -26.87 2.89 -8.50
C ILE B 103 -27.47 4.29 -8.34
N LEU B 104 -27.53 5.04 -9.43
CA LEU B 104 -28.07 6.39 -9.37
C LEU B 104 -29.48 6.44 -8.81
N ARG B 105 -30.28 5.42 -9.11
CA ARG B 105 -31.66 5.38 -8.61
C ARG B 105 -31.72 5.31 -7.09
N VAL B 106 -31.10 4.27 -6.53
CA VAL B 106 -31.08 4.06 -5.08
C VAL B 106 -30.49 5.25 -4.31
N LYS B 107 -29.38 5.77 -4.82
CA LYS B 107 -28.69 6.90 -4.19
C LYS B 107 -29.43 8.21 -4.42
N GLU B 108 -30.23 8.26 -5.48
CA GLU B 108 -30.98 9.47 -5.81
C GLU B 108 -29.99 10.62 -5.98
N ASP B 109 -28.91 10.37 -6.70
CA ASP B 109 -27.89 11.37 -6.93
C ASP B 109 -27.08 11.02 -8.16
N GLU B 110 -27.12 11.89 -9.16
CA GLU B 110 -26.38 11.65 -10.38
C GLU B 110 -24.90 11.94 -10.22
N ASN B 111 -24.54 12.69 -9.19
CA ASN B 111 -23.14 13.04 -8.94
C ASN B 111 -22.54 12.22 -7.80
N VAL B 112 -23.03 11.01 -7.59
CA VAL B 112 -22.52 10.17 -6.51
C VAL B 112 -21.08 9.75 -6.83
N PRO B 113 -20.18 9.78 -5.82
CA PRO B 113 -18.78 9.38 -6.05
C PRO B 113 -18.79 8.12 -6.91
N PHE B 114 -18.11 8.18 -8.05
CA PHE B 114 -18.14 7.05 -8.98
C PHE B 114 -16.95 7.09 -9.95
N LEU B 115 -16.36 5.93 -10.19
CA LEU B 115 -15.26 5.81 -11.14
C LEU B 115 -15.50 4.61 -12.05
N LEU B 116 -15.24 4.80 -13.35
CA LEU B 116 -15.37 3.72 -14.31
C LEU B 116 -13.98 3.09 -14.36
N VAL B 117 -13.91 1.79 -14.11
CA VAL B 117 -12.62 1.11 -14.10
C VAL B 117 -12.50 -0.01 -15.11
N GLY B 118 -11.53 0.12 -16.02
CA GLY B 118 -11.30 -0.91 -17.01
C GLY B 118 -10.16 -1.77 -16.48
N ASN B 119 -10.49 -2.92 -15.89
CA ASN B 119 -9.48 -3.80 -15.31
C ASN B 119 -8.87 -4.80 -16.29
N LYS B 120 -7.76 -5.41 -15.87
CA LYS B 120 -7.03 -6.40 -16.66
C LYS B 120 -6.23 -5.76 -17.79
N SER B 121 -5.71 -4.56 -17.54
CA SER B 121 -4.92 -3.83 -18.52
C SER B 121 -3.68 -4.61 -18.98
N ASP B 122 -3.23 -5.56 -18.16
CA ASP B 122 -2.04 -6.35 -18.50
C ASP B 122 -2.32 -7.32 -19.64
N LEU B 123 -3.60 -7.50 -19.98
CA LEU B 123 -3.98 -8.41 -21.06
C LEU B 123 -4.35 -7.62 -22.32
N GLU B 124 -3.48 -6.70 -22.71
CA GLU B 124 -3.73 -5.87 -23.89
C GLU B 124 -3.94 -6.71 -25.15
N ASP B 125 -3.30 -7.89 -25.18
CA ASP B 125 -3.39 -8.84 -26.30
C ASP B 125 -4.83 -9.29 -26.55
N LYS B 126 -5.63 -9.28 -25.49
CA LYS B 126 -7.01 -9.73 -25.58
C LYS B 126 -8.04 -8.63 -25.43
N ARG B 127 -7.60 -7.39 -25.58
CA ARG B 127 -8.52 -6.25 -25.44
C ARG B 127 -9.69 -6.35 -26.40
N GLN B 128 -10.90 -6.14 -25.86
CA GLN B 128 -12.13 -6.17 -26.64
C GLN B 128 -12.80 -4.81 -26.55
N VAL B 129 -12.42 -4.03 -25.54
CA VAL B 129 -12.99 -2.70 -25.36
C VAL B 129 -11.88 -1.67 -25.55
N SER B 130 -12.10 -0.74 -26.49
CA SER B 130 -11.12 0.29 -26.79
C SER B 130 -11.08 1.37 -25.73
N VAL B 131 -9.90 1.95 -25.53
CA VAL B 131 -9.72 3.02 -24.56
C VAL B 131 -10.68 4.16 -24.91
N GLU B 132 -10.69 4.51 -26.19
CA GLU B 132 -11.55 5.59 -26.70
C GLU B 132 -13.01 5.36 -26.32
N GLU B 133 -13.50 4.15 -26.55
CA GLU B 133 -14.87 3.80 -26.24
C GLU B 133 -15.15 3.97 -24.74
N ALA B 134 -14.26 3.44 -23.92
CA ALA B 134 -14.41 3.53 -22.47
C ALA B 134 -14.38 4.97 -22.00
N LYS B 135 -13.42 5.76 -22.51
CA LYS B 135 -13.32 7.17 -22.14
C LYS B 135 -14.58 7.95 -22.45
N ASN B 136 -15.13 7.76 -23.66
CA ASN B 136 -16.33 8.47 -24.05
C ASN B 136 -17.49 8.23 -23.10
N ARG B 137 -17.69 6.98 -22.70
CA ARG B 137 -18.77 6.66 -21.79
C ARG B 137 -18.55 7.33 -20.44
N ALA B 138 -17.30 7.38 -20.01
CA ALA B 138 -16.96 7.99 -18.72
C ALA B 138 -17.32 9.47 -18.77
N GLU B 139 -16.97 10.12 -19.88
CA GLU B 139 -17.26 11.54 -20.08
C GLU B 139 -18.75 11.82 -20.13
N GLN B 140 -19.50 10.91 -20.73
CA GLN B 140 -20.94 11.09 -20.82
C GLN B 140 -21.55 11.03 -19.43
N TRP B 141 -21.00 10.15 -18.61
CA TRP B 141 -21.47 9.96 -17.24
C TRP B 141 -20.88 10.99 -16.30
N ASN B 142 -19.92 11.76 -16.80
CA ASN B 142 -19.26 12.78 -15.99
C ASN B 142 -18.47 12.13 -14.85
N VAL B 143 -17.74 11.08 -15.16
CA VAL B 143 -16.93 10.39 -14.17
C VAL B 143 -15.57 10.08 -14.77
N ASN B 144 -14.57 9.91 -13.91
CA ASN B 144 -13.22 9.60 -14.35
C ASN B 144 -13.11 8.15 -14.78
N TYR B 145 -12.22 7.89 -15.74
CA TYR B 145 -11.99 6.55 -16.24
C TYR B 145 -10.54 6.18 -15.97
N VAL B 146 -10.34 5.01 -15.38
CA VAL B 146 -8.99 4.53 -15.07
C VAL B 146 -8.84 3.08 -15.47
N GLU B 147 -7.72 2.73 -16.08
CA GLU B 147 -7.50 1.35 -16.45
C GLU B 147 -6.57 0.79 -15.40
N THR B 148 -6.86 -0.41 -14.93
CA THR B 148 -6.07 -1.04 -13.89
C THR B 148 -5.70 -2.48 -14.21
N SER B 149 -4.83 -3.01 -13.37
CA SER B 149 -4.38 -4.38 -13.46
C SER B 149 -4.15 -4.89 -12.03
N ALA B 150 -5.01 -5.79 -11.59
CA ALA B 150 -4.89 -6.35 -10.24
C ALA B 150 -3.63 -7.21 -10.17
N LYS B 151 -3.10 -7.59 -11.33
CA LYS B 151 -1.91 -8.43 -11.35
C LYS B 151 -0.64 -7.64 -11.08
N THR B 152 -0.37 -6.61 -11.89
CA THR B 152 0.83 -5.79 -11.69
C THR B 152 0.54 -4.68 -10.68
N ARG B 153 -0.75 -4.53 -10.36
CA ARG B 153 -1.25 -3.53 -9.42
C ARG B 153 -1.28 -2.10 -9.99
N ALA B 154 -1.11 -1.98 -11.30
CA ALA B 154 -1.13 -0.67 -11.95
C ALA B 154 -2.45 0.06 -11.66
N ASN B 155 -2.33 1.29 -11.16
CA ASN B 155 -3.46 2.16 -10.83
C ASN B 155 -4.51 1.63 -9.84
N VAL B 156 -4.24 0.49 -9.21
CA VAL B 156 -5.19 -0.06 -8.24
C VAL B 156 -5.32 0.88 -7.04
N ASP B 157 -4.20 1.26 -6.45
CA ASP B 157 -4.26 2.16 -5.30
C ASP B 157 -4.91 3.48 -5.73
N LYS B 158 -4.57 3.94 -6.94
CA LYS B 158 -5.12 5.17 -7.47
C LYS B 158 -6.66 5.19 -7.49
N VAL B 159 -7.29 4.15 -8.03
CA VAL B 159 -8.76 4.14 -8.08
C VAL B 159 -9.39 4.17 -6.71
N PHE B 160 -8.81 3.45 -5.74
CA PHE B 160 -9.37 3.47 -4.40
C PHE B 160 -9.19 4.83 -3.75
N PHE B 161 -8.00 5.42 -3.89
CA PHE B 161 -7.70 6.73 -3.31
C PHE B 161 -8.53 7.85 -3.97
N ASP B 162 -8.62 7.80 -5.30
CA ASP B 162 -9.39 8.79 -6.03
C ASP B 162 -10.85 8.74 -5.62
N LEU B 163 -11.40 7.53 -5.47
CA LEU B 163 -12.81 7.44 -5.08
C LEU B 163 -12.97 7.98 -3.66
N MET B 164 -12.02 7.68 -2.77
CA MET B 164 -12.12 8.19 -1.41
C MET B 164 -12.09 9.72 -1.40
N ARG B 165 -11.26 10.32 -2.27
CA ARG B 165 -11.17 11.77 -2.33
C ARG B 165 -12.52 12.37 -2.75
N GLU B 166 -13.23 11.68 -3.64
CA GLU B 166 -14.53 12.18 -4.09
C GLU B 166 -15.52 12.09 -2.93
N ILE B 167 -15.51 10.97 -2.22
CA ILE B 167 -16.38 10.77 -1.07
C ILE B 167 -16.09 11.85 -0.04
N ARG B 168 -14.80 12.08 0.23
CA ARG B 168 -14.39 13.12 1.18
C ARG B 168 -14.93 14.48 0.72
N ALA B 169 -14.86 14.73 -0.58
CA ALA B 169 -15.34 16.00 -1.14
C ALA B 169 -16.84 16.16 -0.94
N ARG B 170 -17.58 15.06 -1.06
CA ARG B 170 -19.03 15.11 -0.89
C ARG B 170 -19.41 15.37 0.58
N LYS B 171 -18.65 14.79 1.50
CA LYS B 171 -18.90 14.95 2.94
C LYS B 171 -18.64 16.37 3.45
N MET B 172 -17.59 17.00 2.93
CA MET B 172 -17.23 18.36 3.33
C MET B 172 -17.07 18.54 4.84
N GLU B 173 -16.53 17.53 5.53
CA GLU B 173 -16.35 17.61 6.97
C GLU B 173 -15.30 18.66 7.34
N ASP B 174 -15.53 19.36 8.46
CA ASP B 174 -14.60 20.38 8.92
C ASP B 174 -13.33 19.67 9.43
N SER B 175 -12.19 20.35 9.35
CA SER B 175 -10.93 19.75 9.78
C SER B 175 -10.92 19.45 11.28
N SER C 4 -8.53 15.63 18.36
CA SER C 4 -9.23 15.45 17.05
C SER C 4 -8.54 14.36 16.24
N ARG C 5 -7.56 14.76 15.43
CA ARG C 5 -6.84 13.82 14.60
C ARG C 5 -5.83 13.02 15.43
N GLN C 6 -5.09 12.15 14.76
CA GLN C 6 -4.09 11.34 15.44
C GLN C 6 -2.75 12.06 15.53
N PRO C 7 -1.87 11.60 16.41
CA PRO C 7 -0.56 12.23 16.59
C PRO C 7 0.29 12.21 15.32
N PRO C 8 1.16 13.21 15.16
CA PRO C 8 2.03 13.26 13.98
C PRO C 8 3.01 12.09 14.04
N LEU C 9 3.31 11.52 12.88
CA LEU C 9 4.28 10.43 12.80
C LEU C 9 5.24 10.70 11.63
N VAL C 10 6.47 11.06 11.95
CA VAL C 10 7.45 11.32 10.91
C VAL C 10 8.09 9.98 10.52
N THR C 11 7.95 9.63 9.25
CA THR C 11 8.49 8.36 8.75
C THR C 11 9.54 8.54 7.64
N GLY C 12 9.82 9.78 7.26
CA GLY C 12 10.80 10.04 6.22
C GLY C 12 11.55 11.33 6.47
N ILE C 13 12.83 11.38 6.12
CA ILE C 13 13.64 12.58 6.32
C ILE C 13 14.62 12.70 5.14
N SER C 14 14.56 13.84 4.45
CA SER C 14 15.40 14.05 3.27
C SER C 14 16.08 15.43 3.25
N PRO C 15 17.42 15.46 3.38
CA PRO C 15 18.33 14.32 3.56
C PRO C 15 18.32 13.86 5.02
N ASN C 16 18.96 12.73 5.31
CA ASN C 16 18.98 12.22 6.68
C ASN C 16 20.14 12.77 7.53
N GLU C 17 20.94 13.64 6.94
CA GLU C 17 22.05 14.25 7.66
C GLU C 17 22.43 15.52 6.92
N GLY C 18 23.18 16.39 7.60
CA GLY C 18 23.60 17.62 6.98
C GLY C 18 24.13 18.63 7.98
N ILE C 19 24.85 19.61 7.45
CA ILE C 19 25.43 20.67 8.26
C ILE C 19 24.31 21.56 8.77
N PRO C 20 24.59 22.37 9.80
CA PRO C 20 23.55 23.25 10.33
C PRO C 20 22.95 24.13 9.23
N TRP C 21 21.66 24.42 9.38
CA TRP C 21 20.90 25.22 8.45
C TRP C 21 20.67 24.56 7.09
N THR C 22 20.74 23.24 7.08
CA THR C 22 20.48 22.46 5.86
C THR C 22 18.96 22.40 5.69
N LYS C 23 18.49 22.54 4.47
CA LYS C 23 17.06 22.48 4.20
C LYS C 23 16.63 21.02 4.10
N VAL C 24 15.73 20.59 4.98
CA VAL C 24 15.27 19.20 4.98
C VAL C 24 13.77 19.06 4.73
N THR C 25 13.41 18.00 4.03
CA THR C 25 12.02 17.72 3.77
C THR C 25 11.61 16.59 4.71
N ILE C 26 10.55 16.84 5.49
CA ILE C 26 10.03 15.88 6.45
C ILE C 26 8.76 15.23 5.89
N ARG C 27 8.71 13.90 5.88
CA ARG C 27 7.54 13.18 5.38
C ARG C 27 6.94 12.35 6.50
N GLY C 28 5.64 12.09 6.42
CA GLY C 28 5.00 11.31 7.45
C GLY C 28 3.48 11.31 7.33
N GLU C 29 2.83 11.14 8.47
CA GLU C 29 1.38 11.08 8.56
C GLU C 29 0.90 12.05 9.63
N ASN C 30 -0.23 12.69 9.36
CA ASN C 30 -0.85 13.62 10.29
C ASN C 30 0.11 14.73 10.68
N LEU C 31 0.79 15.31 9.71
CA LEU C 31 1.73 16.38 10.01
C LEU C 31 1.02 17.74 10.07
N GLY C 32 -0.31 17.72 10.04
CA GLY C 32 -1.06 18.96 10.13
C GLY C 32 -2.22 19.03 9.16
N THR C 33 -3.38 19.46 9.66
CA THR C 33 -4.56 19.57 8.83
C THR C 33 -4.51 20.88 8.03
N GLY C 34 -3.49 21.70 8.28
CA GLY C 34 -3.36 22.95 7.55
C GLY C 34 -2.11 23.70 7.98
N PRO C 35 -1.76 24.80 7.31
CA PRO C 35 -0.57 25.61 7.63
C PRO C 35 -0.54 26.12 9.06
N THR C 36 -1.72 26.44 9.58
CA THR C 36 -1.83 26.98 10.92
C THR C 36 -1.90 25.92 12.02
N ASP C 37 -2.00 24.65 11.60
CA ASP C 37 -2.09 23.54 12.55
C ASP C 37 -0.76 23.19 13.23
N LEU C 38 0.32 23.61 12.60
CA LEU C 38 1.67 23.32 13.10
C LEU C 38 2.12 24.26 14.24
N ILE C 39 2.33 23.70 15.44
CA ILE C 39 2.73 24.50 16.59
C ILE C 39 4.01 24.04 17.26
N GLY C 40 4.68 23.08 16.66
CA GLY C 40 5.91 22.57 17.22
C GLY C 40 6.71 21.76 16.20
N LEU C 41 8.01 22.00 16.17
CA LEU C 41 8.90 21.29 15.26
C LEU C 41 10.31 21.36 15.82
N THR C 42 10.75 20.25 16.40
CA THR C 42 12.07 20.14 16.99
C THR C 42 12.86 19.01 16.34
N ILE C 43 14.09 19.30 15.95
CA ILE C 43 14.97 18.31 15.34
C ILE C 43 16.27 18.34 16.12
N CYS C 44 16.65 17.22 16.73
CA CYS C 44 17.87 17.16 17.52
C CYS C 44 17.79 18.17 18.66
N GLY C 45 16.60 18.35 19.21
CA GLY C 45 16.43 19.28 20.31
C GLY C 45 16.31 20.72 19.86
N HIS C 46 16.67 21.00 18.61
CA HIS C 46 16.60 22.37 18.11
C HIS C 46 15.22 22.75 17.57
N ASN C 47 14.73 23.92 18.01
CA ASN C 47 13.44 24.43 17.60
C ASN C 47 13.54 24.96 16.18
N CYS C 48 12.89 24.29 15.24
CA CYS C 48 12.95 24.70 13.84
C CYS C 48 11.62 25.27 13.34
N LEU C 49 10.67 25.44 14.26
CA LEU C 49 9.35 25.94 13.87
C LEU C 49 9.34 27.20 12.99
N LEU C 50 10.18 28.18 13.33
CA LEU C 50 10.23 29.42 12.56
C LEU C 50 10.51 29.28 11.07
N THR C 51 11.22 28.24 10.68
CA THR C 51 11.53 28.02 9.26
C THR C 51 10.68 26.90 8.66
N ALA C 52 9.77 26.37 9.46
CA ALA C 52 8.90 25.28 9.02
C ALA C 52 7.83 25.75 8.04
N GLU C 53 7.72 25.04 6.91
CA GLU C 53 6.72 25.37 5.90
C GLU C 53 5.85 24.15 5.62
N TRP C 54 4.62 24.18 6.13
CA TRP C 54 3.67 23.09 5.92
C TRP C 54 3.34 23.00 4.44
N MET C 55 3.40 21.79 3.89
CA MET C 55 3.09 21.58 2.47
C MET C 55 1.81 20.75 2.35
N SER C 56 1.68 19.76 3.21
CA SER C 56 0.51 18.87 3.24
C SER C 56 0.59 18.09 4.53
N ALA C 57 -0.45 17.33 4.83
CA ALA C 57 -0.47 16.52 6.05
C ALA C 57 0.63 15.45 6.03
N SER C 58 1.31 15.29 4.89
CA SER C 58 2.38 14.30 4.78
C SER C 58 3.72 14.96 4.49
N LYS C 59 3.76 16.28 4.50
CA LYS C 59 5.01 16.94 4.16
C LYS C 59 5.24 18.32 4.75
N ILE C 60 6.39 18.49 5.38
CA ILE C 60 6.80 19.75 5.97
C ILE C 60 8.26 19.96 5.61
N VAL C 61 8.61 21.19 5.26
CA VAL C 61 10.00 21.50 4.92
C VAL C 61 10.49 22.54 5.92
N CYS C 62 11.73 22.40 6.37
CA CYS C 62 12.31 23.35 7.31
C CYS C 62 13.83 23.32 7.23
N ARG C 63 14.48 24.01 8.17
CA ARG C 63 15.93 24.04 8.22
C ARG C 63 16.39 23.62 9.60
N VAL C 64 17.36 22.73 9.64
CA VAL C 64 17.87 22.25 10.91
C VAL C 64 18.81 23.28 11.52
N GLY C 65 18.94 23.23 12.83
CA GLY C 65 19.81 24.16 13.53
C GLY C 65 20.74 23.39 14.46
N GLN C 66 21.71 24.08 15.04
CA GLN C 66 22.67 23.46 15.94
C GLN C 66 21.98 22.63 17.01
N ALA C 67 22.47 21.41 17.21
CA ALA C 67 21.88 20.49 18.18
C ALA C 67 21.98 20.87 19.64
N LYS C 68 21.01 20.39 20.42
CA LYS C 68 20.97 20.60 21.86
C LYS C 68 20.93 19.19 22.44
N ASN C 69 20.64 18.23 21.58
CA ASN C 69 20.55 16.81 21.91
C ASN C 69 21.49 16.04 21.01
N ASP C 70 21.79 14.80 21.37
CA ASP C 70 22.67 13.96 20.57
C ASP C 70 21.86 12.89 19.82
N LYS C 71 20.55 12.89 20.03
CA LYS C 71 19.66 11.95 19.33
C LYS C 71 19.04 12.74 18.17
N GLY C 72 18.94 12.10 17.01
CA GLY C 72 18.38 12.78 15.85
C GLY C 72 16.87 12.73 15.76
N ASP C 73 16.21 12.92 16.89
CA ASP C 73 14.75 12.88 16.98
C ASP C 73 14.08 14.02 16.19
N ILE C 74 12.98 13.71 15.52
CA ILE C 74 12.22 14.66 14.73
C ILE C 74 10.80 14.74 15.32
N ILE C 75 10.58 15.73 16.18
CA ILE C 75 9.30 15.90 16.87
C ILE C 75 8.39 16.99 16.29
N VAL C 76 7.25 16.56 15.75
CA VAL C 76 6.28 17.48 15.19
C VAL C 76 5.07 17.56 16.12
N THR C 77 4.60 18.77 16.38
CA THR C 77 3.44 18.96 17.23
C THR C 77 2.38 19.78 16.49
N THR C 78 1.17 19.24 16.42
CA THR C 78 0.07 19.92 15.76
C THR C 78 -1.01 20.23 16.79
N LYS C 79 -1.86 21.20 16.48
CA LYS C 79 -2.94 21.57 17.40
C LYS C 79 -3.96 20.43 17.40
N SER C 80 -4.23 19.89 16.22
CA SER C 80 -5.19 18.83 16.04
C SER C 80 -4.85 17.46 16.63
N GLY C 81 -3.58 17.07 16.59
CA GLY C 81 -3.22 15.75 17.11
C GLY C 81 -2.21 15.69 18.23
N GLY C 82 -1.67 16.84 18.64
CA GLY C 82 -0.71 16.84 19.74
C GLY C 82 0.74 16.56 19.34
N ARG C 83 1.52 16.12 20.32
CA ARG C 83 2.93 15.82 20.10
C ARG C 83 3.11 14.49 19.37
N GLY C 84 3.97 14.49 18.36
CA GLY C 84 4.20 13.28 17.61
C GLY C 84 5.55 12.63 17.86
N THR C 85 5.84 11.61 17.05
CA THR C 85 7.09 10.85 17.16
C THR C 85 7.63 10.62 15.75
N SER C 86 8.84 10.07 15.67
CA SER C 86 9.42 9.77 14.37
C SER C 86 10.04 8.39 14.37
N THR C 87 10.02 7.73 13.20
CA THR C 87 10.59 6.42 13.04
C THR C 87 12.03 6.56 12.54
N VAL C 88 12.37 7.76 12.06
CA VAL C 88 13.70 8.01 11.55
C VAL C 88 14.37 9.12 12.34
N SER C 89 15.67 9.26 12.15
CA SER C 89 16.42 10.28 12.86
C SER C 89 17.26 11.08 11.89
N PHE C 90 17.65 12.27 12.33
CA PHE C 90 18.47 13.13 11.50
C PHE C 90 19.85 13.22 12.14
N LYS C 91 20.90 13.22 11.32
CA LYS C 91 22.26 13.31 11.83
C LYS C 91 22.83 14.68 11.54
N LEU C 92 23.01 15.48 12.58
CA LEU C 92 23.55 16.83 12.42
C LEU C 92 25.07 16.76 12.22
N LEU C 93 25.54 17.25 11.08
CA LEU C 93 26.96 17.24 10.78
C LEU C 93 27.65 18.56 11.16
N LYS C 94 28.96 18.49 11.38
CA LYS C 94 29.74 19.66 11.73
C LYS C 94 30.64 20.04 10.55
N PRO C 95 30.68 21.34 10.19
CA PRO C 95 31.48 21.86 9.08
C PRO C 95 32.97 21.49 9.17
N SER D 4 5.57 -11.54 21.81
CA SER D 4 6.23 -12.16 20.62
C SER D 4 5.80 -11.46 19.33
N ARG D 5 4.52 -11.11 19.24
CA ARG D 5 3.96 -10.44 18.07
C ARG D 5 2.82 -9.50 18.50
N GLN D 6 2.31 -8.70 17.56
CA GLN D 6 1.21 -7.78 17.86
C GLN D 6 -0.14 -8.49 17.86
N PRO D 7 -1.16 -7.87 18.44
CA PRO D 7 -2.51 -8.42 18.52
C PRO D 7 -3.12 -8.74 17.16
N PRO D 8 -3.96 -9.78 17.09
CA PRO D 8 -4.58 -10.13 15.81
C PRO D 8 -5.58 -9.04 15.42
N LEU D 9 -5.67 -8.76 14.13
CA LEU D 9 -6.62 -7.77 13.65
C LEU D 9 -7.31 -8.30 12.40
N VAL D 10 -8.59 -8.61 12.52
CA VAL D 10 -9.35 -9.11 11.40
C VAL D 10 -9.91 -7.93 10.62
N THR D 11 -9.56 -7.86 9.34
CA THR D 11 -10.01 -6.76 8.48
C THR D 11 -10.82 -7.23 7.28
N GLY D 12 -11.02 -8.55 7.18
CA GLY D 12 -11.77 -9.08 6.06
C GLY D 12 -12.56 -10.33 6.43
N ILE D 13 -13.76 -10.46 5.87
CA ILE D 13 -14.60 -11.61 6.14
C ILE D 13 -15.35 -11.99 4.87
N SER D 14 -15.16 -13.23 4.42
CA SER D 14 -15.79 -13.73 3.20
C SER D 14 -16.45 -15.09 3.39
N PRO D 15 -17.79 -15.16 3.30
CA PRO D 15 -18.70 -14.03 3.04
C PRO D 15 -18.93 -13.25 4.33
N ASN D 16 -19.62 -12.11 4.24
CA ASN D 16 -19.88 -11.32 5.45
C ASN D 16 -21.18 -11.70 6.14
N GLU D 17 -21.92 -12.64 5.56
CA GLU D 17 -23.16 -13.11 6.14
C GLU D 17 -23.40 -14.55 5.70
N GLY D 18 -24.30 -15.24 6.41
CA GLY D 18 -24.60 -16.62 6.05
C GLY D 18 -25.32 -17.37 7.15
N ILE D 19 -25.96 -18.47 6.76
CA ILE D 19 -26.68 -19.32 7.70
C ILE D 19 -25.67 -20.06 8.57
N PRO D 20 -26.12 -20.61 9.71
CA PRO D 20 -25.18 -21.33 10.57
C PRO D 20 -24.40 -22.42 9.82
N TRP D 21 -23.19 -22.70 10.31
CA TRP D 21 -22.29 -23.69 9.71
C TRP D 21 -21.77 -23.31 8.34
N THR D 22 -21.85 -22.02 7.99
CA THR D 22 -21.36 -21.55 6.70
C THR D 22 -19.84 -21.43 6.82
N LYS D 23 -19.14 -21.82 5.77
CA LYS D 23 -17.68 -21.75 5.78
C LYS D 23 -17.22 -20.34 5.41
N VAL D 24 -16.50 -19.69 6.31
CA VAL D 24 -16.02 -18.34 6.06
C VAL D 24 -14.51 -18.21 6.09
N THR D 25 -14.00 -17.34 5.22
CA THR D 25 -12.57 -17.06 5.15
C THR D 25 -12.34 -15.77 5.91
N ILE D 26 -11.41 -15.79 6.85
CA ILE D 26 -11.10 -14.62 7.65
C ILE D 26 -9.72 -14.08 7.24
N ARG D 27 -9.68 -12.80 6.88
CA ARG D 27 -8.42 -12.16 6.48
C ARG D 27 -8.04 -11.06 7.47
N GLY D 28 -6.74 -10.86 7.63
CA GLY D 28 -6.27 -9.83 8.55
C GLY D 28 -4.77 -9.81 8.76
N GLU D 29 -4.38 -9.34 9.93
CA GLU D 29 -2.98 -9.23 10.31
C GLU D 29 -2.69 -9.94 11.62
N ASN D 30 -1.52 -10.57 11.70
CA ASN D 30 -1.10 -11.26 12.90
C ASN D 30 -2.13 -12.28 13.36
N LEU D 31 -2.61 -13.10 12.44
CA LEU D 31 -3.61 -14.10 12.79
C LEU D 31 -2.97 -15.39 13.28
N GLY D 32 -1.66 -15.36 13.54
CA GLY D 32 -0.98 -16.55 14.02
C GLY D 32 0.34 -16.84 13.32
N THR D 33 1.36 -17.13 14.12
CA THR D 33 2.68 -17.44 13.57
C THR D 33 2.69 -18.85 13.02
N GLY D 34 1.65 -19.61 13.34
CA GLY D 34 1.57 -20.98 12.88
C GLY D 34 0.28 -21.65 13.31
N PRO D 35 -0.02 -22.87 12.82
CA PRO D 35 -1.25 -23.57 13.19
C PRO D 35 -1.44 -23.74 14.70
N THR D 36 -0.34 -23.90 15.41
CA THR D 36 -0.36 -24.09 16.87
C THR D 36 -0.57 -22.80 17.65
N ASP D 37 -0.31 -21.66 17.00
CA ASP D 37 -0.42 -20.36 17.65
C ASP D 37 -1.85 -19.89 17.90
N LEU D 38 -2.81 -20.45 17.17
CA LEU D 38 -4.22 -20.07 17.30
C LEU D 38 -4.87 -20.78 18.49
N ILE D 39 -5.31 -19.99 19.47
CA ILE D 39 -5.94 -20.55 20.67
C ILE D 39 -7.30 -19.95 21.00
N GLY D 40 -7.85 -19.20 20.06
CA GLY D 40 -9.15 -18.59 20.28
C GLY D 40 -9.73 -18.06 18.99
N LEU D 41 -11.02 -18.34 18.78
CA LEU D 41 -11.70 -17.88 17.59
C LEU D 41 -13.20 -17.83 17.83
N THR D 42 -13.72 -16.63 18.03
CA THR D 42 -15.14 -16.46 18.28
C THR D 42 -15.79 -15.52 17.28
N ILE D 43 -16.94 -15.93 16.77
CA ILE D 43 -17.68 -15.11 15.81
C ILE D 43 -19.09 -14.98 16.34
N CYS D 44 -19.50 -13.75 16.64
CA CYS D 44 -20.83 -13.50 17.16
C CYS D 44 -21.01 -14.26 18.47
N GLY D 45 -19.95 -14.28 19.27
CA GLY D 45 -20.00 -14.97 20.56
C GLY D 45 -19.82 -16.47 20.47
N HIS D 46 -19.99 -17.03 19.29
CA HIS D 46 -19.87 -18.47 19.06
C HIS D 46 -18.41 -18.92 18.93
N ASN D 47 -18.03 -19.95 19.69
CA ASN D 47 -16.66 -20.46 19.64
C ASN D 47 -16.53 -21.32 18.38
N CYS D 48 -15.69 -20.89 17.45
CA CYS D 48 -15.48 -21.60 16.19
C CYS D 48 -14.10 -22.25 16.12
N LEU D 49 -13.31 -22.16 17.19
CA LEU D 49 -11.97 -22.70 17.19
C LEU D 49 -11.85 -24.14 16.67
N LEU D 50 -12.80 -24.99 17.04
CA LEU D 50 -12.81 -26.39 16.61
C LEU D 50 -12.73 -26.61 15.10
N THR D 51 -13.36 -25.72 14.34
CA THR D 51 -13.36 -25.84 12.88
C THR D 51 -12.37 -24.89 12.22
N ALA D 52 -11.60 -24.17 13.02
CA ALA D 52 -10.64 -23.22 12.51
C ALA D 52 -9.40 -23.86 11.88
N GLU D 53 -9.07 -23.42 10.68
CA GLU D 53 -7.89 -23.93 10.00
C GLU D 53 -6.96 -22.77 9.62
N TRP D 54 -5.84 -22.66 10.32
CA TRP D 54 -4.88 -21.62 10.05
C TRP D 54 -4.28 -21.86 8.66
N MET D 55 -4.21 -20.82 7.85
CA MET D 55 -3.64 -20.92 6.51
C MET D 55 -2.35 -20.11 6.45
N SER D 56 -2.40 -18.93 7.03
CA SER D 56 -1.25 -18.02 7.09
C SER D 56 -1.56 -16.96 8.12
N ALA D 57 -0.57 -16.11 8.42
CA ALA D 57 -0.77 -15.05 9.40
C ALA D 57 -1.82 -14.04 8.93
N SER D 58 -2.30 -14.20 7.71
CA SER D 58 -3.30 -13.28 7.20
C SER D 58 -4.59 -14.01 6.84
N LYS D 59 -4.62 -15.32 7.02
CA LYS D 59 -5.82 -16.07 6.67
C LYS D 59 -6.17 -17.26 7.56
N ILE D 60 -7.43 -17.30 7.96
CA ILE D 60 -7.96 -18.37 8.80
C ILE D 60 -9.32 -18.73 8.22
N VAL D 61 -9.58 -20.02 8.06
CA VAL D 61 -10.88 -20.45 7.55
C VAL D 61 -11.57 -21.31 8.61
N CYS D 62 -12.87 -21.10 8.77
CA CYS D 62 -13.63 -21.85 9.76
C CYS D 62 -15.08 -21.88 9.33
N ARG D 63 -15.95 -22.34 10.21
CA ARG D 63 -17.38 -22.39 9.94
C ARG D 63 -18.05 -21.68 11.10
N VAL D 64 -19.14 -20.98 10.80
CA VAL D 64 -19.87 -20.24 11.84
C VAL D 64 -20.99 -21.07 12.44
N GLY D 65 -21.42 -20.68 13.64
CA GLY D 65 -22.51 -21.37 14.31
C GLY D 65 -23.49 -20.31 14.80
N GLN D 66 -24.38 -20.68 15.71
CA GLN D 66 -25.34 -19.70 16.24
C GLN D 66 -24.61 -18.73 17.15
N ALA D 67 -25.13 -17.50 17.22
CA ALA D 67 -24.51 -16.44 18.00
C ALA D 67 -24.98 -16.29 19.44
N LYS D 68 -24.10 -15.74 20.28
CA LYS D 68 -24.38 -15.48 21.68
C LYS D 68 -24.47 -13.97 21.86
N ASN D 69 -24.45 -13.25 20.74
CA ASN D 69 -24.53 -11.79 20.74
C ASN D 69 -25.21 -11.30 19.48
N ASP D 70 -25.65 -10.04 19.49
CA ASP D 70 -26.28 -9.44 18.33
C ASP D 70 -25.16 -8.98 17.41
N LYS D 71 -24.06 -8.56 18.03
CA LYS D 71 -22.88 -8.09 17.31
C LYS D 71 -22.29 -9.19 16.44
N GLY D 72 -21.67 -8.79 15.34
CA GLY D 72 -21.04 -9.73 14.44
C GLY D 72 -19.53 -9.65 14.59
N ASP D 73 -19.08 -9.51 15.84
CA ASP D 73 -17.65 -9.40 16.13
C ASP D 73 -16.88 -10.68 15.80
N ILE D 74 -15.64 -10.51 15.33
CA ILE D 74 -14.79 -11.63 14.96
C ILE D 74 -13.49 -11.52 15.75
N ILE D 75 -13.44 -12.22 16.89
CA ILE D 75 -12.27 -12.17 17.76
C ILE D 75 -11.34 -13.36 17.66
N VAL D 76 -10.10 -13.09 17.26
CA VAL D 76 -9.07 -14.11 17.14
C VAL D 76 -8.07 -13.93 18.27
N THR D 77 -7.71 -15.05 18.89
CA THR D 77 -6.75 -15.02 19.98
C THR D 77 -5.58 -15.92 19.63
N THR D 78 -4.38 -15.38 19.76
CA THR D 78 -3.18 -16.12 19.43
C THR D 78 -2.25 -16.16 20.64
N LYS D 79 -1.38 -17.16 20.71
CA LYS D 79 -0.45 -17.26 21.84
C LYS D 79 0.52 -16.10 21.75
N SER D 80 1.02 -15.90 20.53
CA SER D 80 1.99 -14.87 20.18
C SER D 80 1.59 -13.42 20.49
N GLY D 81 0.37 -13.04 20.13
CA GLY D 81 -0.04 -11.67 20.34
C GLY D 81 -1.25 -11.40 21.21
N GLY D 82 -1.86 -12.43 21.77
CA GLY D 82 -3.01 -12.21 22.62
C GLY D 82 -4.34 -12.09 21.90
N ARG D 83 -5.30 -11.46 22.58
CA ARG D 83 -6.64 -11.28 22.02
C ARG D 83 -6.67 -10.16 20.99
N GLY D 84 -7.34 -10.40 19.88
CA GLY D 84 -7.40 -9.40 18.84
C GLY D 84 -8.76 -8.74 18.72
N THR D 85 -8.91 -7.95 17.66
CA THR D 85 -10.15 -7.24 17.37
C THR D 85 -10.40 -7.34 15.87
N SER D 86 -11.57 -6.89 15.44
CA SER D 86 -11.93 -6.92 14.03
C SER D 86 -12.54 -5.59 13.59
N THR D 87 -12.31 -5.21 12.35
CA THR D 87 -12.85 -3.96 11.81
C THR D 87 -14.16 -4.24 11.10
N VAL D 88 -14.35 -5.51 10.74
CA VAL D 88 -15.55 -5.94 10.04
C VAL D 88 -16.38 -6.84 10.96
N SER D 89 -17.63 -7.08 10.57
CA SER D 89 -18.51 -7.92 11.35
C SER D 89 -19.19 -8.94 10.46
N PHE D 90 -19.66 -10.02 11.06
CA PHE D 90 -20.35 -11.06 10.32
C PHE D 90 -21.81 -11.05 10.70
N LYS D 91 -22.67 -11.24 9.70
CA LYS D 91 -24.11 -11.25 9.93
C LYS D 91 -24.63 -12.67 9.88
N LEU D 92 -25.00 -13.20 11.05
CA LEU D 92 -25.51 -14.55 11.15
C LEU D 92 -26.96 -14.59 10.66
N LEU D 93 -27.19 -15.36 9.61
CA LEU D 93 -28.53 -15.49 9.02
C LEU D 93 -29.30 -16.68 9.58
N LYS D 94 -30.63 -16.61 9.49
CA LYS D 94 -31.48 -17.69 9.96
C LYS D 94 -32.18 -18.34 8.77
N PRO D 95 -32.19 -19.68 8.73
CA PRO D 95 -32.81 -20.50 7.67
C PRO D 95 -34.26 -20.15 7.32
MG MG E . 16.75 10.12 -5.76
PG GNP F . 19.02 10.56 -8.11
O1G GNP F . 19.54 11.87 -8.65
O2G GNP F . 18.78 10.72 -6.64
O3G GNP F . 19.91 9.39 -8.35
N3B GNP F . 17.50 10.41 -8.98
PB GNP F . 16.44 9.12 -8.81
O1B GNP F . 17.05 7.87 -9.26
O2B GNP F . 15.89 9.14 -7.43
O3A GNP F . 15.22 9.51 -9.79
PA GNP F . 13.87 10.20 -9.45
O1A GNP F . 13.05 9.34 -8.58
O2A GNP F . 14.21 11.61 -8.98
O5' GNP F . 13.19 10.29 -10.81
C5' GNP F . 13.72 11.08 -11.90
C4' GNP F . 12.60 11.48 -12.82
O4' GNP F . 11.98 10.44 -13.48
C3' GNP F . 11.44 12.23 -12.08
O3' GNP F . 11.01 13.38 -12.84
C2' GNP F . 10.34 11.16 -11.97
O2' GNP F . 9.04 11.69 -11.88
C1' GNP F . 10.58 10.38 -13.24
N9 GNP F . 10.21 8.96 -13.07
C8 GNP F . 10.78 8.10 -12.03
N7 GNP F . 10.26 6.90 -12.12
C5 GNP F . 9.31 6.99 -13.25
C6 GNP F . 8.45 5.96 -13.81
O6 GNP F . 8.32 4.82 -13.48
N1 GNP F . 7.70 6.45 -14.89
C2 GNP F . 7.86 7.77 -15.26
N2 GNP F . 7.02 8.06 -16.38
N3 GNP F . 8.60 8.73 -14.83
C4 GNP F . 9.33 8.24 -13.78
MG MG G . -15.46 -11.61 -6.77
PG GNP H . -17.36 -12.32 -9.24
O1G GNP H . -17.72 -13.75 -9.48
O2G GNP H . -17.47 -12.06 -7.77
O3G GNP H . -18.18 -11.35 -10.00
N3B GNP H . -15.70 -12.30 -9.79
PB GNP H . -14.71 -10.94 -9.82
O1B GNP H . -15.26 -9.92 -10.71
O2B GNP H . -14.42 -10.55 -8.41
O3A GNP H . -13.37 -11.53 -10.48
PA GNP H . -12.10 -12.08 -9.81
O1A GNP H . -11.42 -11.01 -9.07
O2A GNP H . -12.51 -13.35 -9.08
O5' GNP H . -11.24 -12.46 -10.99
C5' GNP H . -11.60 -13.49 -11.94
C4' GNP H . -10.34 -13.95 -12.64
O4' GNP H . -9.65 -12.98 -13.35
C3' GNP H . -9.31 -14.55 -11.64
O3' GNP H . -8.75 -15.79 -12.14
C2' GNP H . -8.26 -13.42 -11.51
O2' GNP H . -6.99 -13.85 -11.14
C1' GNP H . -8.31 -12.85 -12.91
N9 GNP H . -7.94 -11.41 -12.93
C8 GNP H . -8.63 -10.37 -12.14
N7 GNP H . -8.10 -9.19 -12.36
C5 GNP H . -7.01 -9.46 -13.33
C6 GNP H . -6.06 -8.51 -13.95
O6 GNP H . -5.97 -7.35 -13.80
N1 GNP H . -5.19 -9.18 -14.81
C2 GNP H . -5.31 -10.54 -14.97
N2 GNP H . -4.32 -10.99 -15.89
N3 GNP H . -6.10 -11.43 -14.48
C4 GNP H . -6.96 -10.79 -13.63
#